data_7W18
#
_entry.id   7W18
#
_cell.length_a   62.272
_cell.length_b   62.272
_cell.length_c   113.271
_cell.angle_alpha   90.000
_cell.angle_beta   90.000
_cell.angle_gamma   120.000
#
_symmetry.space_group_name_H-M   'P 32 2 1'
#
loop_
_entity.id
_entity.type
_entity.pdbx_description
1 polymer 'Alginate lyase'
2 branched 'beta-D-mannopyranuronic acid-(1-4)-beta-D-mannopyranuronic acid-(1-4)-beta-D-mannopyranuronic acid-(1-4)-beta-D-mannopyranuronic acid-(1-4)-beta-D-mannopyranuronic acid'
3 water water
#
_entity_poly.entity_id   1
_entity_poly.type   'polypeptide(L)'
_entity_poly.pdbx_seq_one_letter_code
;MMRFAIAAALGALLAVAAAPAAVAAARRPPWDIARFRPALRVAKLQAPDSVQRKDVRSFPNFQADHFYSENRDMVFVMGG
DSQRSELRFLDEWSVRTSSTRRMVGVLTLPTPLRGMKHFTWMQVAGGSKGKKPLLRLSWHDKREQGGKDLRNTMLATVRL
NNKSGDAGRFKKIVLGTRPSGRFVADVRVERSRLTVRLNGRKLVDEDVGYWTYSTNYFKAGVAVQEGSPDARVVFHGLTV
S
;
_entity_poly.pdbx_strand_id   A
#
loop_
_chem_comp.id
_chem_comp.type
_chem_comp.name
_chem_comp.formula
BEM D-saccharide, beta linking 'beta-D-mannopyranuronic acid' 'C6 H10 O7'
#
# COMPACT_ATOMS: atom_id res chain seq x y z
N ARG A 27 -21.77 5.18 8.15
CA ARG A 27 -20.63 5.25 7.21
C ARG A 27 -20.85 6.54 6.44
N ARG A 28 -19.78 7.20 6.00
CA ARG A 28 -19.91 8.52 5.38
C ARG A 28 -18.77 8.68 4.40
N PRO A 29 -18.82 9.68 3.54
CA PRO A 29 -17.65 9.87 2.69
C PRO A 29 -16.39 10.13 3.48
N PRO A 30 -15.27 9.49 3.10
CA PRO A 30 -14.00 9.79 3.73
C PRO A 30 -13.63 11.29 3.61
N TRP A 31 -13.90 11.88 2.48
CA TRP A 31 -13.66 13.31 2.27
C TRP A 31 -14.28 14.24 3.32
N ASP A 32 -15.32 13.76 4.06
CA ASP A 32 -15.84 14.45 5.29
C ASP A 32 -14.76 14.59 6.46
N ILE A 33 -13.73 13.75 6.47
CA ILE A 33 -12.73 13.75 7.56
C ILE A 33 -11.54 14.57 7.06
N ALA A 34 -11.36 15.78 7.67
CA ALA A 34 -10.52 16.75 7.01
C ALA A 34 -9.09 16.24 6.94
N ARG A 35 -8.67 15.35 7.85
CA ARG A 35 -7.26 15.04 7.94
C ARG A 35 -6.96 14.13 6.84
N PHE A 36 -8.02 13.57 6.18
CA PHE A 36 -7.69 12.83 4.92
C PHE A 36 -7.66 13.68 3.70
N ARG A 37 -8.11 14.93 3.77
CA ARG A 37 -8.11 15.70 2.46
C ARG A 37 -6.83 15.94 1.71
N PRO A 38 -5.67 16.26 2.39
CA PRO A 38 -4.47 16.50 1.54
C PRO A 38 -4.05 15.26 0.68
N ALA A 39 -4.21 14.07 1.24
CA ALA A 39 -3.78 12.87 0.50
C ALA A 39 -4.82 12.59 -0.65
N LEU A 40 -6.09 12.68 -0.34
CA LEU A 40 -7.22 12.57 -1.35
C LEU A 40 -7.00 13.53 -2.49
N ARG A 41 -6.51 14.73 -2.20
CA ARG A 41 -6.33 15.74 -3.35
C ARG A 41 -5.23 15.40 -4.25
N VAL A 42 -4.32 14.47 -3.88
CA VAL A 42 -3.22 14.16 -4.81
C VAL A 42 -3.19 12.61 -5.16
N ALA A 43 -4.39 12.01 -5.16
CA ALA A 43 -4.53 10.59 -5.54
C ALA A 43 -5.89 10.43 -6.31
N LYS A 44 -5.98 9.25 -6.92
CA LYS A 44 -7.25 8.74 -7.53
C LYS A 44 -7.45 7.29 -6.91
N LEU A 45 -8.72 6.86 -6.76
CA LEU A 45 -9.05 5.61 -6.16
C LEU A 45 -9.28 4.61 -7.34
N GLN A 46 -8.53 3.53 -7.31
CA GLN A 46 -8.62 2.41 -8.33
C GLN A 46 -9.40 1.36 -7.71
N ALA A 47 -10.33 0.77 -8.51
CA ALA A 47 -11.01 -0.44 -7.99
C ALA A 47 -11.42 -1.17 -9.28
N PRO A 48 -12.11 -2.31 -9.12
CA PRO A 48 -12.39 -3.11 -10.34
C PRO A 48 -13.41 -2.45 -11.24
N ASP A 49 -13.30 -2.83 -12.50
CA ASP A 49 -14.20 -2.31 -13.56
C ASP A 49 -15.63 -2.61 -13.30
N SER A 50 -15.89 -3.71 -12.57
CA SER A 50 -17.23 -3.95 -12.19
C SER A 50 -17.84 -2.98 -11.16
N VAL A 51 -16.98 -2.28 -10.44
CA VAL A 51 -17.38 -1.45 -9.21
C VAL A 51 -17.28 0.00 -9.62
N GLN A 52 -16.41 0.35 -10.58
CA GLN A 52 -16.16 1.77 -11.01
C GLN A 52 -15.97 1.87 -12.52
N ARG A 53 -16.68 2.78 -13.22
CA ARG A 53 -16.35 3.07 -14.63
C ARG A 53 -14.97 3.69 -14.88
N LYS A 54 -14.46 4.51 -13.94
CA LYS A 54 -13.36 5.46 -14.18
C LYS A 54 -12.67 5.41 -12.79
N ASP A 55 -11.33 5.45 -12.72
CA ASP A 55 -10.66 5.77 -11.44
C ASP A 55 -11.28 6.99 -10.81
N VAL A 56 -11.69 6.96 -9.54
CA VAL A 56 -12.31 8.14 -8.81
C VAL A 56 -11.30 9.30 -8.57
N ARG A 57 -11.58 10.49 -9.14
CA ARG A 57 -10.71 11.68 -8.86
C ARG A 57 -11.37 12.78 -8.01
N SER A 58 -12.69 12.81 -8.03
CA SER A 58 -13.39 13.75 -7.21
C SER A 58 -13.98 13.15 -5.94
N PHE A 59 -13.41 13.49 -4.78
CA PHE A 59 -13.89 12.91 -3.50
C PHE A 59 -15.06 13.46 -2.73
N PRO A 60 -15.42 14.78 -2.84
CA PRO A 60 -16.50 15.22 -2.00
C PRO A 60 -17.77 14.38 -2.22
N ASN A 61 -18.43 13.95 -1.11
CA ASN A 61 -19.69 13.18 -1.18
C ASN A 61 -19.62 11.68 -1.54
N PHE A 62 -18.42 11.24 -1.94
CA PHE A 62 -18.17 9.86 -2.48
C PHE A 62 -17.99 8.81 -1.37
N GLN A 63 -18.77 7.75 -1.47
CA GLN A 63 -18.57 6.58 -0.64
C GLN A 63 -19.19 5.37 -1.37
N ALA A 64 -18.67 4.18 -1.08
CA ALA A 64 -19.19 2.98 -1.68
C ALA A 64 -18.77 1.88 -0.73
N ASP A 65 -19.20 0.65 -0.99
CA ASP A 65 -18.89 -0.44 -0.07
C ASP A 65 -17.33 -0.61 0.03
N HIS A 66 -16.65 -0.19 -1.03
CA HIS A 66 -15.19 -0.42 -1.20
C HIS A 66 -14.34 0.68 -0.59
N PHE A 67 -15.01 1.75 -0.19
CA PHE A 67 -14.31 3.00 0.23
C PHE A 67 -15.22 3.84 1.06
N TYR A 68 -15.07 3.85 2.40
CA TYR A 68 -16.05 4.65 3.20
C TYR A 68 -15.33 5.09 4.47
N SER A 69 -16.04 5.81 5.37
CA SER A 69 -15.52 6.31 6.69
C SER A 69 -16.52 5.84 7.73
N GLU A 70 -15.98 5.13 8.71
CA GLU A 70 -16.64 4.75 9.92
C GLU A 70 -15.61 5.06 11.03
N ASN A 71 -16.11 5.55 12.17
CA ASN A 71 -15.26 5.92 13.31
C ASN A 71 -14.21 6.95 12.94
N ARG A 72 -14.49 7.89 12.03
CA ARG A 72 -13.55 8.91 11.62
C ARG A 72 -12.30 8.40 10.85
N ASP A 73 -12.33 7.14 10.44
CA ASP A 73 -11.24 6.48 9.67
C ASP A 73 -11.59 6.35 8.18
N MET A 74 -10.60 6.04 7.31
CA MET A 74 -10.86 5.92 5.87
C MET A 74 -10.59 4.43 5.62
N VAL A 75 -11.62 3.78 5.02
CA VAL A 75 -11.65 2.30 5.09
C VAL A 75 -11.72 1.79 3.66
N PHE A 76 -10.80 0.87 3.37
CA PHE A 76 -10.77 0.21 2.03
C PHE A 76 -11.22 -1.23 2.23
N VAL A 77 -12.11 -1.72 1.37
CA VAL A 77 -12.59 -3.13 1.49
C VAL A 77 -12.73 -3.70 0.06
N MET A 78 -12.03 -4.79 -0.15
CA MET A 78 -12.10 -5.49 -1.51
C MET A 78 -11.79 -6.93 -1.25
N GLY A 79 -12.48 -7.80 -2.05
CA GLY A 79 -12.13 -9.23 -2.04
C GLY A 79 -11.95 -9.73 -3.51
N GLY A 80 -11.30 -10.86 -3.65
CA GLY A 80 -11.07 -11.57 -4.96
C GLY A 80 -9.57 -11.38 -5.28
N ASP A 81 -8.90 -12.43 -5.78
CA ASP A 81 -7.56 -12.36 -6.14
C ASP A 81 -7.46 -11.26 -7.26
N SER A 82 -6.41 -10.47 -7.12
CA SER A 82 -6.13 -9.40 -8.03
C SER A 82 -6.96 -8.16 -7.88
N GLN A 83 -8.05 -8.16 -7.10
CA GLN A 83 -8.94 -7.05 -7.07
C GLN A 83 -8.43 -6.04 -6.01
N ARG A 84 -8.67 -4.76 -6.24
CA ARG A 84 -8.06 -3.72 -5.31
C ARG A 84 -9.08 -2.63 -5.05
N SER A 85 -8.93 -1.92 -3.92
CA SER A 85 -9.66 -0.68 -3.65
C SER A 85 -8.48 0.14 -3.03
N GLU A 86 -7.82 0.92 -3.87
CA GLU A 86 -6.50 1.45 -3.52
C GLU A 86 -6.27 2.82 -4.12
N LEU A 87 -5.68 3.74 -3.31
CA LEU A 87 -5.31 5.00 -3.86
C LEU A 87 -4.11 4.90 -4.62
N ARG A 88 -4.06 5.66 -5.69
CA ARG A 88 -2.91 5.60 -6.59
C ARG A 88 -2.41 7.02 -6.51
N PHE A 89 -1.25 7.26 -5.92
CA PHE A 89 -0.84 8.67 -5.84
C PHE A 89 -0.31 9.12 -7.16
N LEU A 90 -0.78 10.29 -7.53
CA LEU A 90 -0.46 10.86 -8.81
C LEU A 90 0.97 11.30 -9.01
N ASP A 91 1.67 11.77 -7.97
CA ASP A 91 3.10 12.18 -8.19
C ASP A 91 4.05 11.04 -8.59
N GLU A 92 4.85 11.23 -9.65
CA GLU A 92 5.77 10.12 -10.09
C GLU A 92 7.26 10.55 -10.05
N TRP A 93 8.14 9.70 -9.60
CA TRP A 93 9.48 10.19 -9.37
C TRP A 93 10.47 9.07 -9.61
N SER A 94 11.78 9.40 -9.76
CA SER A 94 12.85 8.41 -9.75
C SER A 94 13.47 8.21 -8.28
N VAL A 95 14.21 7.11 -8.06
CA VAL A 95 14.72 6.80 -6.72
C VAL A 95 15.84 7.82 -6.38
N ARG A 96 16.43 8.37 -7.42
CA ARG A 96 17.54 9.30 -7.30
C ARG A 96 17.17 10.64 -6.75
N THR A 97 15.90 10.94 -6.76
CA THR A 97 15.28 12.19 -6.30
C THR A 97 15.96 12.79 -5.02
N SER A 98 16.19 14.10 -5.10
CA SER A 98 16.79 14.86 -4.07
C SER A 98 15.80 15.26 -3.03
N SER A 99 14.55 15.33 -3.42
CA SER A 99 13.46 15.70 -2.56
C SER A 99 12.99 14.39 -1.97
N THR A 100 12.76 14.31 -0.70
CA THR A 100 12.32 13.01 -0.13
C THR A 100 10.92 12.73 -0.70
N ARG A 101 10.60 11.51 -1.10
CA ARG A 101 9.21 11.13 -1.16
C ARG A 101 8.93 10.22 0.01
N ARG A 102 7.82 10.46 0.66
CA ARG A 102 7.49 9.80 1.91
C ARG A 102 5.99 9.64 2.03
N MET A 103 5.56 8.50 2.63
CA MET A 103 4.21 8.22 2.84
C MET A 103 4.19 7.71 4.27
N VAL A 104 3.35 8.30 5.12
N VAL A 104 3.33 8.29 5.10
CA VAL A 104 3.18 7.75 6.42
CA VAL A 104 3.17 7.78 6.42
C VAL A 104 1.73 7.46 6.69
C VAL A 104 1.71 7.46 6.70
N GLY A 105 1.47 6.30 7.28
CA GLY A 105 0.10 5.86 7.53
C GLY A 105 0.03 5.43 8.95
N VAL A 106 -1.09 5.77 9.55
CA VAL A 106 -1.44 5.15 10.85
C VAL A 106 -2.62 4.25 10.51
N LEU A 107 -2.57 2.93 10.77
CA LEU A 107 -3.59 2.05 10.33
C LEU A 107 -3.74 0.79 11.26
N THR A 108 -4.85 0.11 11.06
CA THR A 108 -5.18 -1.16 11.74
C THR A 108 -5.49 -2.13 10.59
N LEU A 109 -4.96 -3.34 10.70
CA LEU A 109 -5.31 -4.47 9.82
C LEU A 109 -6.18 -5.35 10.70
N PRO A 110 -7.53 -5.23 10.58
CA PRO A 110 -8.33 -6.14 11.41
C PRO A 110 -8.10 -7.63 11.05
N THR A 111 -8.25 -8.50 12.05
CA THR A 111 -8.10 -9.93 11.70
C THR A 111 -8.66 -10.34 10.31
N PRO A 112 -7.81 -10.86 9.45
CA PRO A 112 -8.48 -11.18 8.18
C PRO A 112 -9.42 -12.42 8.29
N LEU A 113 -10.32 -12.58 7.32
CA LEU A 113 -11.26 -13.67 7.29
C LEU A 113 -10.60 -14.91 6.75
N ARG A 114 -11.01 -16.08 7.28
CA ARG A 114 -10.49 -17.32 6.68
C ARG A 114 -10.75 -17.27 5.17
N GLY A 115 -9.75 -17.69 4.39
CA GLY A 115 -9.84 -17.66 2.92
C GLY A 115 -9.02 -16.49 2.37
N MET A 116 -8.74 -15.50 3.19
CA MET A 116 -7.84 -14.31 2.81
C MET A 116 -6.42 -14.67 3.03
N LYS A 117 -5.64 -14.70 1.94
CA LYS A 117 -4.32 -15.27 2.04
C LYS A 117 -3.22 -14.21 1.95
N HIS A 118 -3.39 -13.15 1.15
CA HIS A 118 -2.20 -12.35 0.76
C HIS A 118 -2.79 -11.01 0.16
N PHE A 119 -2.56 -9.88 0.82
CA PHE A 119 -3.02 -8.61 0.25
C PHE A 119 -1.89 -7.60 0.60
N THR A 120 -1.91 -6.49 -0.13
CA THR A 120 -0.88 -5.48 -0.02
C THR A 120 -1.62 -4.18 0.42
N TRP A 121 -1.06 -3.55 1.50
CA TRP A 121 -1.68 -2.39 2.08
C TRP A 121 -0.86 -1.05 1.84
N MET A 122 0.41 -1.17 1.39
CA MET A 122 1.17 0.02 0.83
C MET A 122 2.11 -0.49 -0.17
N GLN A 123 2.41 0.36 -1.19
CA GLN A 123 3.46 0.05 -2.14
C GLN A 123 4.18 1.25 -2.65
N VAL A 124 5.38 0.97 -3.17
CA VAL A 124 5.95 1.83 -4.20
C VAL A 124 5.81 1.13 -5.58
N ALA A 125 4.89 1.64 -6.37
CA ALA A 125 4.58 1.02 -7.70
C ALA A 125 5.70 1.50 -8.65
N GLY A 126 6.04 0.63 -9.61
CA GLY A 126 7.09 0.86 -10.58
C GLY A 126 6.56 1.59 -11.80
N GLY A 127 5.24 1.76 -11.96
CA GLY A 127 4.71 2.59 -13.00
C GLY A 127 4.99 1.98 -14.40
N SER A 128 4.80 2.84 -15.38
CA SER A 128 4.90 2.41 -16.75
C SER A 128 6.29 1.93 -17.23
N LYS A 129 7.42 2.47 -16.66
CA LYS A 129 8.73 2.00 -17.10
C LYS A 129 9.21 0.90 -16.17
N GLY A 130 8.82 0.99 -14.87
CA GLY A 130 9.33 -0.01 -13.94
C GLY A 130 8.55 -1.31 -14.01
N LYS A 131 7.27 -1.17 -14.19
CA LYS A 131 6.29 -2.24 -14.50
C LYS A 131 5.82 -2.91 -13.20
N LYS A 132 6.80 -3.36 -12.39
CA LYS A 132 6.63 -4.18 -11.21
C LYS A 132 6.82 -3.20 -10.01
N PRO A 133 6.21 -3.53 -8.87
CA PRO A 133 6.47 -2.62 -7.69
C PRO A 133 7.81 -2.79 -7.14
N LEU A 134 8.45 -1.62 -6.83
CA LEU A 134 9.72 -1.63 -6.15
C LEU A 134 9.52 -2.21 -4.72
N LEU A 135 8.47 -1.77 -4.05
CA LEU A 135 8.17 -2.27 -2.74
C LEU A 135 6.73 -2.63 -2.60
N ARG A 136 6.44 -3.72 -1.89
CA ARG A 136 5.12 -4.03 -1.36
C ARG A 136 5.17 -4.30 0.14
N LEU A 137 4.25 -3.69 0.89
CA LEU A 137 4.08 -4.07 2.27
C LEU A 137 2.80 -4.81 2.33
N SER A 138 2.91 -6.10 2.71
CA SER A 138 1.76 -7.01 2.55
C SER A 138 1.53 -7.82 3.85
N TRP A 139 0.37 -8.46 3.94
CA TRP A 139 0.03 -9.33 5.08
C TRP A 139 -0.25 -10.72 4.48
N HIS A 140 0.21 -11.78 5.19
CA HIS A 140 0.05 -13.15 4.72
C HIS A 140 -0.40 -14.11 5.82
N ASP A 141 -1.37 -14.96 5.48
CA ASP A 141 -1.82 -16.01 6.42
C ASP A 141 -0.63 -16.90 6.74
N LYS A 142 0.13 -17.26 5.72
CA LYS A 142 1.18 -18.24 5.97
C LYS A 142 2.33 -17.92 5.08
N ARG A 143 3.53 -17.93 5.64
CA ARG A 143 4.78 -17.90 4.84
C ARG A 143 5.78 -18.84 5.46
N GLU A 144 6.86 -19.08 4.75
CA GLU A 144 8.00 -19.79 5.23
C GLU A 144 9.20 -18.96 4.93
N GLN A 145 9.97 -18.71 5.97
CA GLN A 145 11.23 -18.05 5.81
C GLN A 145 12.02 -18.30 7.12
N ASP A 149 8.27 -21.40 9.96
CA ASP A 149 6.87 -21.34 9.56
C ASP A 149 6.19 -20.18 10.32
N LEU A 150 5.83 -19.12 9.58
CA LEU A 150 5.29 -17.91 10.13
C LEU A 150 3.84 -17.88 9.72
N ARG A 151 2.99 -17.42 10.64
CA ARG A 151 1.59 -17.27 10.42
C ARG A 151 1.34 -15.85 10.62
N ASN A 152 0.26 -15.30 10.02
CA ASN A 152 -0.25 -13.93 10.39
C ASN A 152 0.81 -12.86 10.40
N THR A 153 1.68 -12.89 9.37
CA THR A 153 2.94 -12.26 9.29
C THR A 153 2.93 -11.16 8.15
N MET A 154 3.78 -10.15 8.28
CA MET A 154 3.76 -8.95 7.45
C MET A 154 5.10 -8.99 6.81
N LEU A 155 5.15 -8.55 5.58
CA LEU A 155 6.31 -8.70 4.70
C LEU A 155 6.63 -7.42 3.98
N ALA A 156 7.90 -7.08 3.92
CA ALA A 156 8.32 -6.10 2.90
C ALA A 156 9.05 -6.86 1.81
N THR A 157 8.58 -6.70 0.58
CA THR A 157 9.26 -7.23 -0.55
C THR A 157 9.85 -6.12 -1.41
N VAL A 158 11.17 -6.13 -1.45
CA VAL A 158 11.99 -5.20 -2.26
C VAL A 158 12.47 -5.94 -3.50
N ARG A 159 12.07 -5.41 -4.65
CA ARG A 159 12.47 -6.03 -5.89
C ARG A 159 13.90 -5.69 -6.18
N LEU A 160 14.64 -6.74 -6.55
CA LEU A 160 16.02 -6.57 -6.98
C LEU A 160 16.22 -6.34 -8.49
N ASN A 161 15.16 -6.56 -9.24
CA ASN A 161 15.10 -6.35 -10.68
C ASN A 161 13.60 -6.24 -10.89
N ASN A 162 13.22 -5.77 -12.10
CA ASN A 162 11.84 -5.85 -12.58
C ASN A 162 11.43 -7.10 -13.41
N LYS A 163 11.98 -8.29 -13.13
CA LYS A 163 11.59 -9.51 -13.96
C LYS A 163 10.50 -10.40 -13.38
N SER A 164 9.75 -11.04 -14.32
CA SER A 164 8.64 -11.98 -14.10
C SER A 164 9.03 -13.37 -13.68
N GLY A 165 8.10 -14.06 -13.00
CA GLY A 165 8.14 -15.56 -12.87
C GLY A 165 9.42 -16.00 -12.18
N ASP A 166 10.12 -17.00 -12.76
CA ASP A 166 11.36 -17.54 -12.11
C ASP A 166 12.53 -16.58 -12.12
N ALA A 167 12.56 -15.67 -13.12
CA ALA A 167 13.62 -14.73 -13.32
C ALA A 167 13.66 -13.55 -12.21
N GLY A 168 12.56 -13.29 -11.50
CA GLY A 168 12.55 -12.20 -10.54
C GLY A 168 13.41 -12.48 -9.34
N ARG A 169 14.03 -11.42 -8.76
CA ARG A 169 14.93 -11.59 -7.61
C ARG A 169 14.33 -10.65 -6.55
N PHE A 170 14.42 -10.98 -5.23
CA PHE A 170 13.74 -10.16 -4.29
C PHE A 170 14.50 -10.22 -3.01
N LYS A 171 14.30 -9.18 -2.19
CA LYS A 171 14.72 -9.31 -0.83
C LYS A 171 13.44 -9.27 -0.09
N LYS A 172 13.26 -10.32 0.70
CA LYS A 172 12.09 -10.48 1.51
C LYS A 172 12.39 -10.29 2.95
N ILE A 173 11.78 -9.26 3.52
CA ILE A 173 12.13 -8.87 4.89
C ILE A 173 10.99 -9.06 5.74
N VAL A 174 11.08 -10.01 6.69
CA VAL A 174 9.96 -10.23 7.62
C VAL A 174 9.69 -8.99 8.51
N LEU A 175 8.44 -8.57 8.65
CA LEU A 175 8.17 -7.38 9.40
C LEU A 175 7.56 -7.76 10.72
N GLY A 176 7.28 -9.04 10.91
CA GLY A 176 6.84 -9.58 12.20
C GLY A 176 5.35 -9.78 12.13
N THR A 177 4.76 -10.14 13.27
CA THR A 177 3.37 -10.46 13.36
C THR A 177 2.50 -9.23 13.18
N ARG A 178 1.34 -9.42 12.59
CA ARG A 178 0.38 -8.34 12.46
C ARG A 178 -0.04 -7.75 13.84
N PRO A 179 0.09 -6.42 14.01
CA PRO A 179 -0.34 -5.80 15.25
C PRO A 179 -1.81 -6.04 15.45
N SER A 180 -2.26 -6.18 16.69
CA SER A 180 -3.69 -6.36 16.88
C SER A 180 -4.41 -5.01 16.88
N GLY A 181 -3.71 -3.91 17.15
CA GLY A 181 -4.34 -2.57 17.04
C GLY A 181 -3.54 -1.72 16.04
N ARG A 182 -3.64 -0.41 16.12
CA ARG A 182 -2.95 0.42 15.16
C ARG A 182 -1.43 0.39 15.18
N PHE A 183 -0.84 0.78 14.06
CA PHE A 183 0.58 0.86 14.02
C PHE A 183 0.90 1.93 13.00
N VAL A 184 2.16 2.31 12.99
CA VAL A 184 2.59 3.43 12.06
C VAL A 184 3.57 2.84 11.07
N ALA A 185 3.27 3.03 9.74
CA ALA A 185 4.17 2.70 8.68
C ALA A 185 4.66 3.91 7.90
N ASP A 186 5.95 4.00 7.68
CA ASP A 186 6.51 5.26 7.20
C ASP A 186 7.57 4.90 6.15
N VAL A 187 7.18 5.18 4.86
CA VAL A 187 8.02 4.76 3.80
C VAL A 187 8.72 5.97 3.18
N ARG A 188 10.03 5.89 2.97
CA ARG A 188 10.79 7.01 2.37
C ARG A 188 11.71 6.57 1.25
N VAL A 189 11.88 7.43 0.20
CA VAL A 189 12.93 7.21 -0.72
C VAL A 189 13.55 8.53 -1.08
N GLU A 190 14.87 8.60 -1.06
CA GLU A 190 15.59 9.72 -1.68
C GLU A 190 17.00 9.28 -1.90
N ARG A 191 17.67 9.90 -2.88
CA ARG A 191 19.11 9.64 -3.19
C ARG A 191 19.46 8.18 -3.23
N SER A 192 18.51 7.39 -3.79
CA SER A 192 18.70 5.97 -4.06
C SER A 192 18.67 5.11 -2.80
N ARG A 193 18.06 5.62 -1.74
CA ARG A 193 17.95 4.83 -0.51
C ARG A 193 16.47 4.71 -0.22
N LEU A 194 16.03 3.46 0.02
CA LEU A 194 14.66 3.17 0.37
C LEU A 194 14.62 2.70 1.83
N THR A 195 13.75 3.28 2.62
CA THR A 195 13.52 2.76 3.98
C THR A 195 12.08 2.59 4.35
N VAL A 196 11.82 1.70 5.34
CA VAL A 196 10.48 1.55 5.86
C VAL A 196 10.68 1.45 7.38
N ARG A 197 10.05 2.36 8.07
CA ARG A 197 9.86 2.29 9.56
C ARG A 197 8.47 1.86 9.97
N LEU A 198 8.38 0.94 10.94
CA LEU A 198 7.13 0.44 11.53
C LEU A 198 7.20 0.80 13.02
N ASN A 199 6.31 1.63 13.47
CA ASN A 199 6.41 2.17 14.83
C ASN A 199 7.80 2.67 15.14
N GLY A 200 8.40 3.46 14.25
CA GLY A 200 9.70 3.99 14.49
C GLY A 200 10.89 3.09 14.26
N ARG A 201 10.70 1.79 14.17
CA ARG A 201 11.85 0.93 14.01
C ARG A 201 12.09 0.80 12.48
N LYS A 202 13.28 1.14 12.04
CA LYS A 202 13.73 1.00 10.73
C LYS A 202 14.01 -0.43 10.32
N LEU A 203 13.00 -1.10 9.76
CA LEU A 203 13.12 -2.49 9.37
C LEU A 203 13.52 -2.75 7.96
N VAL A 204 13.54 -1.67 7.15
CA VAL A 204 13.94 -1.85 5.79
C VAL A 204 14.89 -0.70 5.49
N ASP A 205 16.11 -1.01 5.03
CA ASP A 205 17.05 0.06 4.74
C ASP A 205 17.88 -0.49 3.56
N GLU A 206 17.65 -0.04 2.33
CA GLU A 206 18.25 -0.63 1.13
C GLU A 206 18.63 0.43 0.09
N ASP A 207 19.80 0.23 -0.51
CA ASP A 207 20.19 0.98 -1.74
C ASP A 207 19.40 0.42 -2.91
N VAL A 208 18.73 1.28 -3.63
CA VAL A 208 17.81 0.92 -4.68
C VAL A 208 18.33 1.61 -5.94
N GLY A 209 19.65 1.91 -5.98
CA GLY A 209 20.13 2.78 -7.12
C GLY A 209 20.06 1.98 -8.45
N TYR A 210 20.18 0.65 -8.36
CA TYR A 210 19.98 -0.22 -9.57
C TYR A 210 18.61 -0.03 -10.18
N TRP A 211 17.61 0.47 -9.42
CA TRP A 211 16.22 0.64 -9.97
C TRP A 211 16.16 1.95 -10.59
N THR A 212 16.40 2.00 -11.90
CA THR A 212 16.71 3.27 -12.59
C THR A 212 15.47 3.86 -13.11
N TYR A 213 14.32 3.19 -12.99
CA TYR A 213 13.09 3.71 -13.68
C TYR A 213 12.54 4.99 -13.11
N SER A 214 11.99 5.82 -13.96
CA SER A 214 11.57 7.15 -13.52
C SER A 214 10.07 7.30 -13.25
N THR A 215 9.33 6.20 -13.18
CA THR A 215 7.87 6.29 -13.04
C THR A 215 7.27 5.71 -11.69
N ASN A 216 8.00 5.88 -10.56
CA ASN A 216 7.57 5.28 -9.31
C ASN A 216 6.56 6.15 -8.66
N TYR A 217 5.66 5.57 -7.86
CA TYR A 217 4.78 6.35 -7.07
C TYR A 217 4.14 5.51 -5.97
N PHE A 218 3.61 6.18 -4.95
CA PHE A 218 3.06 5.44 -3.83
C PHE A 218 1.64 4.95 -4.12
N LYS A 219 1.22 3.86 -3.41
CA LYS A 219 -0.23 3.56 -3.32
C LYS A 219 -0.47 3.04 -1.92
N ALA A 220 -1.70 3.12 -1.51
CA ALA A 220 -2.18 2.65 -0.17
C ALA A 220 -3.58 2.31 -0.24
N GLY A 221 -3.96 1.26 0.50
CA GLY A 221 -5.37 0.85 0.41
C GLY A 221 -5.38 -0.64 0.69
N VAL A 222 -6.12 -1.36 -0.16
CA VAL A 222 -6.09 -2.84 -0.07
C VAL A 222 -6.05 -3.33 -1.52
N ALA A 223 -4.97 -4.03 -1.85
CA ALA A 223 -4.86 -4.72 -3.15
C ALA A 223 -4.72 -6.23 -2.83
N VAL A 224 -5.79 -6.98 -3.18
CA VAL A 224 -5.73 -8.45 -2.74
C VAL A 224 -4.94 -9.25 -3.74
N GLN A 225 -3.85 -9.87 -3.27
CA GLN A 225 -3.18 -10.82 -4.23
C GLN A 225 -3.96 -12.19 -4.32
N GLU A 226 -4.34 -12.70 -3.15
CA GLU A 226 -4.95 -14.03 -3.14
C GLU A 226 -5.88 -14.03 -1.95
N GLY A 227 -7.17 -14.16 -2.27
CA GLY A 227 -8.18 -14.32 -1.26
C GLY A 227 -9.57 -13.97 -1.75
N SER A 228 -10.49 -14.92 -1.65
CA SER A 228 -11.87 -14.68 -2.03
C SER A 228 -12.71 -13.79 -1.11
N PRO A 229 -12.61 -13.97 0.21
CA PRO A 229 -13.32 -13.06 1.10
C PRO A 229 -12.86 -11.56 1.08
N ASP A 230 -13.71 -10.67 1.55
CA ASP A 230 -13.30 -9.25 1.67
C ASP A 230 -12.14 -9.07 2.62
N ALA A 231 -11.07 -8.31 2.19
CA ALA A 231 -10.10 -7.75 3.13
C ALA A 231 -10.40 -6.30 3.37
N ARG A 232 -10.11 -5.83 4.58
CA ARG A 232 -10.38 -4.48 5.01
C ARG A 232 -9.13 -3.87 5.70
N VAL A 233 -8.86 -2.63 5.31
CA VAL A 233 -7.61 -2.02 5.78
C VAL A 233 -8.16 -0.68 6.25
N VAL A 234 -7.81 -0.30 7.51
CA VAL A 234 -8.48 0.89 8.11
C VAL A 234 -7.42 1.95 8.33
N PHE A 235 -7.55 3.07 7.67
CA PHE A 235 -6.56 4.09 7.92
C PHE A 235 -7.04 5.12 8.91
N HIS A 236 -6.28 5.29 9.98
CA HIS A 236 -6.55 6.36 10.98
C HIS A 236 -5.87 7.70 10.51
N GLY A 237 -4.80 7.63 9.76
CA GLY A 237 -4.29 8.83 9.03
C GLY A 237 -3.41 8.42 7.84
N LEU A 238 -3.21 9.31 6.93
CA LEU A 238 -2.39 8.91 5.77
C LEU A 238 -1.93 10.23 5.18
N THR A 239 -0.64 10.43 5.01
CA THR A 239 -0.18 11.68 4.40
C THR A 239 0.97 11.29 3.45
N VAL A 240 1.15 12.00 2.35
CA VAL A 240 2.28 11.80 1.48
C VAL A 240 2.98 13.15 1.34
N SER A 241 4.29 13.14 1.08
CA SER A 241 5.03 14.43 1.00
C SER A 241 6.25 14.33 0.14
C1 BEM B . -5.49 2.99 -14.59
C2 BEM B . -5.26 1.48 -14.78
O2 BEM B . -6.28 0.86 -15.63
C3 BEM B . -3.81 1.02 -15.15
O3 BEM B . -3.64 0.94 -16.56
C4 BEM B . -2.70 1.90 -14.60
O4 BEM B . -2.64 1.60 -13.16
C5 BEM B . -3.20 3.27 -14.33
O5 BEM B . -4.36 3.84 -14.85
C6 BEM B . -2.18 4.32 -13.94
O6B BEM B . -1.04 4.32 -14.34
O6A BEM B . -2.68 5.13 -13.21
O1 BEM B . -6.64 3.59 -15.20
C1 BEM B . -1.53 0.78 -12.91
C2 BEM B . -1.51 0.62 -11.36
O2 BEM B . -2.85 0.15 -10.98
C3 BEM B . -0.42 -0.36 -11.01
O3 BEM B . -0.45 -0.52 -9.60
C4 BEM B . -0.63 -1.72 -11.79
O4 BEM B . 0.69 -2.20 -11.65
C5 BEM B . -0.53 -1.34 -13.26
O5 BEM B . -1.68 -0.55 -13.47
C6 BEM B . -0.78 -2.62 -14.11
O6B BEM B . 0.21 -3.21 -14.61
O6A BEM B . -2.00 -2.98 -14.14
C1 BEM B . 0.53 -3.55 -11.24
C2 BEM B . 1.78 -4.32 -11.68
O2 BEM B . 3.08 -3.85 -11.21
C3 BEM B . 1.64 -5.77 -11.19
O3 BEM B . 2.88 -6.58 -11.41
C4 BEM B . 1.37 -5.78 -9.68
O4 BEM B . 1.17 -7.16 -9.23
C5 BEM B . 0.14 -4.93 -9.38
O5 BEM B . 0.40 -3.59 -9.86
C6 BEM B . -0.11 -4.84 -7.88
O6B BEM B . 0.76 -4.28 -7.21
O6A BEM B . -1.12 -5.28 -7.35
C1 BEM B . 2.07 -7.63 -8.26
C2 BEM B . 1.43 -8.87 -7.60
O2 BEM B . 1.22 -9.82 -8.66
C3 BEM B . 2.45 -9.51 -6.68
O3 BEM B . 1.86 -10.72 -6.15
C4 BEM B . 3.83 -9.60 -7.24
O4 BEM B . 4.68 -9.86 -6.14
C5 BEM B . 4.20 -8.24 -7.78
O5 BEM B . 3.33 -7.87 -8.84
C6 BEM B . 5.55 -8.32 -8.35
O6B BEM B . 5.60 -8.83 -9.54
O6A BEM B . 6.55 -8.01 -7.75
C1 BEM B . 5.15 -11.17 -6.21
C2 BEM B . 6.58 -11.14 -5.70
O2 BEM B . 6.48 -10.59 -4.41
C3 BEM B . 7.11 -12.59 -5.56
O3 BEM B . 8.27 -12.80 -4.74
C4 BEM B . 6.13 -13.47 -4.81
O4 BEM B . 6.59 -14.87 -4.83
C5 BEM B . 4.72 -13.33 -5.37
O5 BEM B . 4.32 -11.97 -5.33
C6 BEM B . 3.68 -14.15 -4.66
O6B BEM B . 2.92 -14.82 -5.37
O6A BEM B . 3.55 -14.14 -3.44
#